data_7ODI
#
_entry.id   7ODI
#
_cell.length_a   65.847
_cell.length_b   49.566
_cell.length_c   86.716
_cell.angle_alpha   90.000
_cell.angle_beta   99.837
_cell.angle_gamma   90.000
#
_symmetry.space_group_name_H-M   'P 1 21 1'
#
loop_
_entity.id
_entity.type
_entity.pdbx_description
1 polymer 'Heat shock cognate 71 kDa protein'
2 non-polymer '4-(2-HYDROXYETHYL)-1-PIPERAZINE ETHANESULFONIC ACID'
3 non-polymer methanesulfonamide
4 non-polymer GLYCEROL
5 non-polymer 'SODIUM ION'
6 water water
#
_entity_poly.entity_id   1
_entity_poly.type   'polypeptide(L)'
_entity_poly.pdbx_seq_one_letter_code
;MSKGPAVGIDLGTTYSCVGVFQHGKVEIIANDQGNRTTPSYVAFTDTERLIGDAAKNQVAMNPTNTVFDAKRLIGRRFDD
AVVQSDMKHWPFMVVNDAGRPKVQVEYKGETKSFYPEEVSSMVLTKMKEIAEAYLGKTVTNAVVTVPAYFNDSQRQATKD
AGTIAGLNVLRIINEPTAAAIAYGLDKKVGAERNVLIFDLGGGTFDVSILTIAAGIFEVKSTAGDTHLGGEDFDNRMVNH
FIAEFKRKHKKDISENKRAVRRLRTACERAKRTLSSSTQASIEIDSLYEGIDFYTSITRARFEELNADLFRGTLDPVEKA
LRDAKLDKSQIHDIVLVGGSTRIPKIQKLLQDFFNGKELNKSINPDEAVAYGAAVQAAILSGDKSENVQDLLLLDVTPLS
LGIETAGGVMTVLIKRNTTIPTKQTQTFTTYSDNQPGVLIQVYEGERAMTKDNNLLGKFELTGIPPAPRGVPQIEVTFDI
DANGILNVSAVDKSTGKENKITITNDKGRLSKEDIERMVQEAEKYKAEDEKQRDKVSSKNSLESYAFNMKATVE
;
_entity_poly.pdbx_strand_id   A
#
loop_
_chem_comp.id
_chem_comp.type
_chem_comp.name
_chem_comp.formula
EPE non-polymer '4-(2-HYDROXYETHYL)-1-PIPERAZINE ETHANESULFONIC ACID' 'C8 H18 N2 O4 S'
GOL non-polymer GLYCEROL 'C3 H8 O3'
NA non-polymer 'SODIUM ION' 'Na 1'
V7Z non-polymer methanesulfonamide 'C H5 N O2 S'
#
# COMPACT_ATOMS: atom_id res chain seq x y z
N GLY A 4 -5.65 -24.81 -14.98
CA GLY A 4 -6.75 -24.20 -14.21
C GLY A 4 -6.46 -22.73 -13.92
N PRO A 5 -7.48 -21.92 -13.53
CA PRO A 5 -7.29 -20.50 -13.29
C PRO A 5 -6.43 -20.19 -12.06
N ALA A 6 -5.64 -19.11 -12.13
CA ALA A 6 -4.84 -18.68 -10.97
C ALA A 6 -5.73 -18.00 -9.93
N VAL A 7 -5.32 -18.02 -8.67
CA VAL A 7 -6.18 -17.44 -7.59
C VAL A 7 -5.54 -16.14 -7.06
N GLY A 8 -6.35 -15.28 -6.48
CA GLY A 8 -5.82 -14.05 -5.85
C GLY A 8 -5.96 -14.18 -4.34
N ILE A 9 -4.87 -13.96 -3.60
CA ILE A 9 -4.94 -14.16 -2.12
C ILE A 9 -4.58 -12.88 -1.38
N ASP A 10 -5.46 -12.45 -0.47
CA ASP A 10 -5.12 -11.31 0.41
C ASP A 10 -4.58 -11.95 1.68
N LEU A 11 -3.26 -11.89 1.88
CA LEU A 11 -2.65 -12.45 3.11
C LEU A 11 -2.68 -11.33 4.15
N GLY A 12 -3.78 -11.22 4.88
CA GLY A 12 -3.95 -10.12 5.85
C GLY A 12 -3.31 -10.40 7.20
N THR A 13 -3.08 -9.33 7.96
CA THR A 13 -2.50 -9.49 9.32
C THR A 13 -3.45 -10.28 10.21
N THR A 14 -4.74 -9.96 10.18
CA THR A 14 -5.71 -10.63 11.07
C THR A 14 -6.51 -11.69 10.32
N TYR A 15 -6.85 -11.41 9.06
CA TYR A 15 -7.71 -12.34 8.28
C TYR A 15 -7.19 -12.45 6.85
N SER A 16 -7.39 -13.61 6.22
CA SER A 16 -6.96 -13.80 4.83
C SER A 16 -8.16 -14.13 3.95
N CYS A 17 -8.10 -13.74 2.68
CA CYS A 17 -9.25 -13.94 1.75
C CYS A 17 -8.74 -14.47 0.41
N VAL A 18 -9.44 -15.42 -0.19
CA VAL A 18 -9.02 -16.00 -1.49
C VAL A 18 -10.15 -15.84 -2.50
N GLY A 19 -9.83 -15.41 -3.71
CA GLY A 19 -10.83 -15.22 -4.76
C GLY A 19 -10.37 -15.78 -6.09
N VAL A 20 -11.30 -16.13 -6.97
CA VAL A 20 -10.95 -16.64 -8.31
C VAL A 20 -11.79 -15.91 -9.37
N PHE A 21 -11.19 -15.53 -10.50
CA PHE A 21 -11.96 -14.92 -11.61
C PHE A 21 -12.35 -16.05 -12.56
N GLN A 22 -13.63 -16.38 -12.63
CA GLN A 22 -14.10 -17.52 -13.47
C GLN A 22 -15.43 -17.13 -14.10
N HIS A 23 -15.61 -17.45 -15.38
CA HIS A 23 -16.88 -17.18 -16.08
C HIS A 23 -17.21 -15.68 -16.05
N GLY A 24 -16.21 -14.82 -16.26
CA GLY A 24 -16.46 -13.37 -16.34
C GLY A 24 -16.80 -12.73 -15.01
N LYS A 25 -16.49 -13.38 -13.89
CA LYS A 25 -16.90 -12.83 -12.57
C LYS A 25 -15.94 -13.28 -11.47
N VAL A 26 -15.66 -12.41 -10.51
CA VAL A 26 -14.79 -12.80 -9.37
C VAL A 26 -15.66 -13.49 -8.32
N GLU A 27 -15.22 -14.63 -7.83
CA GLU A 27 -15.96 -15.28 -6.72
C GLU A 27 -15.03 -15.34 -5.51
N ILE A 28 -15.46 -14.77 -4.39
CA ILE A 28 -14.66 -14.91 -3.14
C ILE A 28 -15.04 -16.27 -2.59
N ILE A 29 -14.05 -17.11 -2.26
CA ILE A 29 -14.36 -18.51 -1.87
C ILE A 29 -14.57 -18.66 -0.37
N ALA A 30 -15.70 -19.25 0.03
CA ALA A 30 -15.98 -19.51 1.46
C ALA A 30 -15.16 -20.70 1.95
N ASN A 31 -14.87 -20.74 3.25
CA ASN A 31 -14.08 -21.87 3.83
C ASN A 31 -15.01 -23.02 4.22
N ASP A 32 -14.52 -23.95 5.05
CA ASP A 32 -15.32 -25.12 5.51
C ASP A 32 -16.55 -24.65 6.29
N GLN A 33 -16.40 -23.61 7.12
CA GLN A 33 -17.53 -23.15 7.98
C GLN A 33 -18.35 -22.08 7.25
N GLY A 34 -18.12 -21.88 5.96
CA GLY A 34 -18.93 -20.93 5.18
C GLY A 34 -18.44 -19.50 5.25
N ASN A 35 -17.28 -19.28 5.86
CA ASN A 35 -16.75 -17.90 6.04
C ASN A 35 -15.91 -17.50 4.82
N ARG A 36 -16.16 -16.30 4.28
CA ARG A 36 -15.41 -15.80 3.09
C ARG A 36 -14.06 -15.21 3.53
N THR A 37 -13.85 -15.04 4.83
CA THR A 37 -12.53 -14.60 5.35
C THR A 37 -12.05 -15.67 6.34
N THR A 38 -10.75 -15.93 6.36
CA THR A 38 -10.18 -16.97 7.26
C THR A 38 -9.14 -16.30 8.16
N PRO A 39 -9.20 -16.49 9.50
CA PRO A 39 -8.26 -15.86 10.40
C PRO A 39 -6.82 -16.27 10.07
N SER A 40 -5.89 -15.33 10.12
CA SER A 40 -4.47 -15.64 9.84
C SER A 40 -3.86 -16.18 11.14
N TYR A 41 -4.38 -17.31 11.62
CA TYR A 41 -3.94 -17.89 12.91
C TYR A 41 -3.51 -19.33 12.70
N VAL A 42 -2.36 -19.72 13.27
CA VAL A 42 -1.93 -21.14 13.22
C VAL A 42 -1.73 -21.60 14.66
N ALA A 43 -2.30 -22.75 15.02
CA ALA A 43 -2.23 -23.23 16.42
C ALA A 43 -1.53 -24.59 16.47
N PHE A 44 -0.60 -24.75 17.40
CA PHE A 44 0.14 -26.03 17.54
C PHE A 44 -0.31 -26.68 18.85
N THR A 45 -0.70 -27.96 18.80
CA THR A 45 -1.20 -28.66 20.01
C THR A 45 -0.48 -29.99 20.15
N ASP A 46 -0.68 -30.68 21.27
CA ASP A 46 -0.03 -32.00 21.51
C ASP A 46 -0.47 -32.97 20.42
N THR A 47 -1.68 -32.81 19.89
CA THR A 47 -2.18 -33.81 18.91
C THR A 47 -2.18 -33.30 17.47
N GLU A 48 -2.30 -31.98 17.23
CA GLU A 48 -2.48 -31.53 15.82
C GLU A 48 -2.13 -30.06 15.58
N ARG A 49 -2.05 -29.66 14.31
CA ARG A 49 -1.81 -28.23 13.96
C ARG A 49 -3.11 -27.67 13.37
N LEU A 50 -3.61 -26.55 13.91
CA LEU A 50 -4.89 -25.97 13.45
C LEU A 50 -4.63 -24.66 12.71
N ILE A 51 -5.27 -24.46 11.56
CA ILE A 51 -5.10 -23.20 10.77
C ILE A 51 -6.48 -22.57 10.53
N GLY A 52 -6.60 -21.27 10.78
CA GLY A 52 -7.88 -20.61 10.46
C GLY A 52 -8.83 -20.49 11.63
N ASP A 53 -10.12 -20.68 11.40
CA ASP A 53 -11.15 -20.49 12.44
C ASP A 53 -10.87 -21.42 13.62
N ALA A 54 -10.46 -22.65 13.36
CA ALA A 54 -10.24 -23.60 14.46
C ALA A 54 -9.14 -23.06 15.39
N ALA A 55 -8.08 -22.51 14.81
CA ALA A 55 -6.97 -21.95 15.62
C ALA A 55 -7.45 -20.76 16.45
N LYS A 56 -8.24 -19.87 15.86
CA LYS A 56 -8.73 -18.66 16.58
C LYS A 56 -9.68 -19.08 17.70
N ASN A 57 -10.52 -20.09 17.46
CA ASN A 57 -11.55 -20.50 18.47
C ASN A 57 -10.86 -21.00 19.75
N GLN A 58 -9.71 -21.66 19.63
CA GLN A 58 -9.02 -22.24 20.82
C GLN A 58 -7.90 -21.34 21.34
N VAL A 59 -7.83 -20.07 20.90
CA VAL A 59 -6.68 -19.21 21.27
C VAL A 59 -6.60 -19.07 22.80
N ALA A 60 -7.74 -18.92 23.48
CA ALA A 60 -7.71 -18.70 24.94
C ALA A 60 -7.07 -19.91 25.61
N MET A 61 -7.43 -21.12 25.16
CA MET A 61 -6.90 -22.36 25.76
C MET A 61 -5.39 -22.51 25.53
N ASN A 62 -4.89 -22.16 24.34
CA ASN A 62 -3.45 -22.41 24.06
C ASN A 62 -2.77 -21.14 23.51
N PRO A 63 -2.64 -20.05 24.30
CA PRO A 63 -2.07 -18.80 23.79
C PRO A 63 -0.59 -18.91 23.40
N THR A 64 0.19 -19.66 24.16
CA THR A 64 1.65 -19.79 23.90
C THR A 64 1.89 -20.42 22.53
N ASN A 65 1.05 -21.38 22.14
CA ASN A 65 1.30 -22.11 20.87
C ASN A 65 0.35 -21.64 19.76
N THR A 66 -0.40 -20.57 19.98
CA THR A 66 -1.26 -20.01 18.89
C THR A 66 -0.54 -18.80 18.29
N VAL A 67 -0.25 -18.84 17.00
CA VAL A 67 0.57 -17.77 16.36
C VAL A 67 -0.30 -16.87 15.48
N PHE A 68 -0.14 -15.56 15.62
CA PHE A 68 -0.88 -14.58 14.79
C PHE A 68 0.09 -13.41 14.54
N ASP A 69 -0.23 -12.48 13.64
CA ASP A 69 0.62 -11.28 13.40
C ASP A 69 1.98 -11.68 12.84
N ALA A 70 2.04 -12.80 12.13
CA ALA A 70 3.30 -13.22 11.48
C ALA A 70 3.67 -12.18 10.40
N LYS A 71 2.67 -11.53 9.82
CA LYS A 71 2.90 -10.51 8.76
C LYS A 71 3.75 -9.38 9.33
N ARG A 72 3.60 -9.09 10.62
CA ARG A 72 4.42 -8.05 11.28
C ARG A 72 5.90 -8.43 11.25
N LEU A 73 6.24 -9.72 11.40
CA LEU A 73 7.64 -10.16 11.45
C LEU A 73 8.19 -10.50 10.06
N ILE A 74 7.33 -10.62 9.04
CA ILE A 74 7.81 -11.13 7.73
C ILE A 74 8.84 -10.19 7.08
N GLY A 75 9.95 -10.75 6.57
CA GLY A 75 10.98 -9.96 5.85
C GLY A 75 11.76 -9.02 6.75
N ARG A 76 11.72 -9.23 8.06
CA ARG A 76 12.38 -8.28 8.99
C ARG A 76 13.51 -8.95 9.76
N ARG A 77 14.49 -8.17 10.21
CA ARG A 77 15.55 -8.72 11.10
C ARG A 77 15.01 -8.72 12.53
N PHE A 78 15.56 -9.57 13.40
CA PHE A 78 15.13 -9.63 14.82
C PHE A 78 15.43 -8.29 15.47
N ASP A 79 16.55 -7.65 15.09
CA ASP A 79 17.01 -6.39 15.73
C ASP A 79 16.12 -5.20 15.33
N ASP A 80 15.20 -5.39 14.39
CA ASP A 80 14.27 -4.30 14.01
C ASP A 80 13.50 -3.84 15.26
N ALA A 81 13.39 -2.53 15.45
CA ALA A 81 12.70 -1.96 16.64
C ALA A 81 11.22 -2.36 16.62
N VAL A 82 10.62 -2.40 15.43
CA VAL A 82 9.19 -2.77 15.32
C VAL A 82 9.04 -4.18 15.87
N VAL A 83 9.95 -5.08 15.50
CA VAL A 83 9.89 -6.49 15.99
C VAL A 83 10.05 -6.46 17.51
N GLN A 84 11.00 -5.68 18.02
CA GLN A 84 11.26 -5.66 19.48
C GLN A 84 10.05 -5.12 20.25
N SER A 85 9.47 -4.01 19.79
CA SER A 85 8.26 -3.46 20.45
C SER A 85 7.07 -4.41 20.28
N ASP A 86 6.89 -4.97 19.07
CA ASP A 86 5.73 -5.87 18.78
C ASP A 86 5.82 -7.14 19.61
N MET A 87 7.03 -7.68 19.84
CA MET A 87 7.18 -8.98 20.53
C MET A 87 6.51 -8.92 21.90
N LYS A 88 6.55 -7.75 22.54
CA LYS A 88 6.03 -7.64 23.93
C LYS A 88 4.55 -8.00 23.98
N HIS A 89 3.76 -7.55 23.02
CA HIS A 89 2.29 -7.81 23.02
C HIS A 89 1.97 -9.31 22.82
N TRP A 90 2.74 -10.00 21.97
CA TRP A 90 2.44 -11.42 21.63
C TRP A 90 2.75 -12.40 22.75
N PRO A 91 1.82 -13.33 23.08
CA PRO A 91 2.09 -14.41 24.05
C PRO A 91 3.15 -15.38 23.53
N PHE A 92 3.14 -15.66 22.22
CA PHE A 92 4.08 -16.63 21.62
C PHE A 92 5.52 -16.09 21.66
N MET A 93 6.50 -16.99 21.69
CA MET A 93 7.91 -16.56 21.86
C MET A 93 8.58 -16.28 20.51
N VAL A 94 9.43 -15.25 20.46
CA VAL A 94 10.19 -14.91 19.22
C VAL A 94 11.69 -15.09 19.54
N VAL A 95 12.43 -15.74 18.66
CA VAL A 95 13.87 -16.07 18.97
C VAL A 95 14.77 -15.58 17.83
N ASN A 96 16.08 -15.47 18.10
CA ASN A 96 17.00 -14.92 17.08
C ASN A 96 17.87 -16.02 16.47
N ASP A 97 17.65 -16.35 15.21
CA ASP A 97 18.52 -17.33 14.52
C ASP A 97 19.26 -16.60 13.40
N ALA A 98 20.57 -16.39 13.56
CA ALA A 98 21.39 -15.78 12.49
C ALA A 98 20.81 -14.44 12.02
N GLY A 99 20.30 -13.62 12.95
CA GLY A 99 19.77 -12.30 12.60
C GLY A 99 18.34 -12.34 12.09
N ARG A 100 17.73 -13.53 12.13
CA ARG A 100 16.35 -13.73 11.62
C ARG A 100 15.39 -14.06 12.79
N PRO A 101 14.20 -13.41 12.93
CA PRO A 101 13.26 -13.76 13.97
C PRO A 101 12.53 -15.07 13.63
N LYS A 102 12.19 -15.86 14.66
CA LYS A 102 11.47 -17.14 14.44
C LYS A 102 10.46 -17.30 15.57
N VAL A 103 9.32 -17.93 15.30
CA VAL A 103 8.34 -18.20 16.39
C VAL A 103 8.66 -19.58 16.97
N GLN A 104 8.68 -19.69 18.30
CA GLN A 104 9.02 -20.98 18.93
C GLN A 104 7.78 -21.49 19.67
N VAL A 105 7.39 -22.74 19.41
CA VAL A 105 6.12 -23.27 19.99
C VAL A 105 6.32 -24.74 20.36
N GLU A 106 5.43 -25.29 21.18
CA GLU A 106 5.49 -26.73 21.49
C GLU A 106 4.45 -27.45 20.62
N TYR A 107 4.90 -28.36 19.77
CA TYR A 107 4.00 -29.14 18.89
C TYR A 107 4.26 -30.62 19.15
N LYS A 108 3.23 -31.35 19.58
CA LYS A 108 3.37 -32.81 19.85
C LYS A 108 4.48 -33.05 20.89
N GLY A 109 4.60 -32.16 21.88
CA GLY A 109 5.58 -32.37 22.97
C GLY A 109 7.00 -31.98 22.60
N GLU A 110 7.21 -31.42 21.41
CA GLU A 110 8.58 -31.08 20.95
C GLU A 110 8.65 -29.59 20.63
N THR A 111 9.67 -28.90 21.13
CA THR A 111 9.86 -27.47 20.79
C THR A 111 10.13 -27.36 19.29
N LYS A 112 9.43 -26.46 18.59
CA LYS A 112 9.63 -26.29 17.13
C LYS A 112 9.82 -24.79 16.85
N SER A 113 10.67 -24.45 15.89
CA SER A 113 10.88 -23.03 15.52
C SER A 113 10.50 -22.84 14.06
N PHE A 114 9.71 -21.81 13.77
CA PHE A 114 9.27 -21.54 12.37
C PHE A 114 9.60 -20.10 11.99
N TYR A 115 10.12 -19.91 10.78
CA TYR A 115 10.38 -18.54 10.26
C TYR A 115 9.01 -17.90 10.02
N PRO A 116 8.89 -16.55 9.98
CA PRO A 116 7.58 -15.93 9.84
C PRO A 116 6.95 -16.40 8.53
N GLU A 117 7.78 -16.58 7.48
CA GLU A 117 7.28 -17.05 6.18
C GLU A 117 6.67 -18.46 6.32
N GLU A 118 7.26 -19.30 7.18
CA GLU A 118 6.72 -20.67 7.38
C GLU A 118 5.31 -20.60 7.98
N VAL A 119 5.11 -19.73 8.97
CA VAL A 119 3.75 -19.55 9.57
C VAL A 119 2.79 -19.03 8.50
N SER A 120 3.24 -18.05 7.72
CA SER A 120 2.41 -17.47 6.64
C SER A 120 2.13 -18.52 5.57
N SER A 121 3.09 -19.40 5.31
CA SER A 121 2.90 -20.49 4.31
C SER A 121 1.75 -21.39 4.76
N MET A 122 1.65 -21.63 6.06
CA MET A 122 0.56 -22.48 6.61
C MET A 122 -0.80 -21.82 6.35
N VAL A 123 -0.90 -20.51 6.56
CA VAL A 123 -2.16 -19.79 6.24
C VAL A 123 -2.41 -19.89 4.74
N LEU A 124 -1.37 -19.74 3.93
CA LEU A 124 -1.50 -19.84 2.45
C LEU A 124 -1.92 -21.26 2.06
N THR A 125 -1.42 -22.27 2.78
CA THR A 125 -1.80 -23.68 2.50
C THR A 125 -3.30 -23.84 2.72
N LYS A 126 -3.83 -23.26 3.80
CA LYS A 126 -5.29 -23.35 4.10
C LYS A 126 -6.09 -22.64 3.00
N MET A 127 -5.63 -21.46 2.58
CA MET A 127 -6.33 -20.70 1.52
C MET A 127 -6.28 -21.50 0.21
N LYS A 128 -5.15 -22.14 -0.06
CA LYS A 128 -4.99 -22.97 -1.29
C LYS A 128 -6.00 -24.13 -1.22
N GLU A 129 -6.11 -24.78 -0.06
CA GLU A 129 -7.06 -25.91 0.14
C GLU A 129 -8.51 -25.42 0.00
N ILE A 130 -8.80 -24.23 0.51
CA ILE A 130 -10.17 -23.65 0.39
C ILE A 130 -10.46 -23.47 -1.10
N ALA A 131 -9.49 -22.96 -1.86
CA ALA A 131 -9.68 -22.77 -3.30
C ALA A 131 -9.85 -24.12 -4.00
N GLU A 132 -9.05 -25.11 -3.61
CA GLU A 132 -9.09 -26.45 -4.27
C GLU A 132 -10.44 -27.12 -4.03
N ALA A 133 -10.99 -26.99 -2.83
CA ALA A 133 -12.31 -27.59 -2.52
C ALA A 133 -13.39 -26.95 -3.39
N TYR A 134 -13.36 -25.62 -3.54
CA TYR A 134 -14.36 -24.93 -4.39
C TYR A 134 -14.16 -25.26 -5.86
N LEU A 135 -12.92 -25.19 -6.34
CA LEU A 135 -12.63 -25.41 -7.78
C LEU A 135 -12.75 -26.87 -8.19
N GLY A 136 -12.44 -27.80 -7.29
CA GLY A 136 -12.44 -29.23 -7.63
C GLY A 136 -11.17 -29.62 -8.36
N LYS A 137 -10.17 -28.73 -8.37
CA LYS A 137 -8.91 -28.99 -9.11
C LYS A 137 -7.73 -28.45 -8.29
N THR A 138 -6.52 -28.91 -8.58
CA THR A 138 -5.31 -28.42 -7.88
C THR A 138 -5.07 -26.96 -8.26
N VAL A 139 -4.74 -26.12 -7.28
CA VAL A 139 -4.44 -24.69 -7.54
C VAL A 139 -2.95 -24.48 -7.31
N THR A 140 -2.25 -23.95 -8.32
CA THR A 140 -0.79 -23.71 -8.17
C THR A 140 -0.50 -22.21 -8.33
N ASN A 141 -0.96 -21.62 -9.42
CA ASN A 141 -0.62 -20.19 -9.70
C ASN A 141 -1.41 -19.27 -8.75
N ALA A 142 -0.75 -18.23 -8.25
CA ALA A 142 -1.46 -17.27 -7.37
C ALA A 142 -0.88 -15.86 -7.42
N VAL A 143 -1.69 -14.85 -7.13
CA VAL A 143 -1.15 -13.47 -6.99
C VAL A 143 -1.35 -13.12 -5.52
N VAL A 144 -0.27 -12.76 -4.81
CA VAL A 144 -0.37 -12.51 -3.35
C VAL A 144 -0.16 -11.02 -3.10
N THR A 145 -1.01 -10.42 -2.26
CA THR A 145 -0.95 -8.96 -2.02
C THR A 145 -0.12 -8.64 -0.78
N VAL A 146 0.53 -7.47 -0.77
CA VAL A 146 1.34 -7.01 0.40
C VAL A 146 1.08 -5.53 0.61
N PRO A 147 1.34 -4.95 1.79
CA PRO A 147 1.21 -3.51 1.98
C PRO A 147 2.17 -2.74 1.06
N ALA A 148 1.77 -1.56 0.59
CA ALA A 148 2.59 -0.77 -0.35
C ALA A 148 3.93 -0.40 0.28
N TYR A 149 3.97 -0.21 1.59
CA TYR A 149 5.21 0.20 2.30
C TYR A 149 6.20 -0.97 2.44
N PHE A 150 5.78 -2.18 2.06
CA PHE A 150 6.67 -3.37 2.21
C PHE A 150 7.94 -3.17 1.36
N ASN A 151 9.09 -3.53 1.92
CA ASN A 151 10.38 -3.45 1.17
C ASN A 151 10.59 -4.72 0.35
N ASP A 152 11.68 -4.78 -0.41
CA ASP A 152 11.98 -5.95 -1.28
C ASP A 152 12.12 -7.21 -0.41
N SER A 153 12.72 -7.08 0.76
CA SER A 153 12.89 -8.25 1.67
C SER A 153 11.52 -8.78 2.09
N GLN A 154 10.61 -7.87 2.46
CA GLN A 154 9.26 -8.26 2.94
C GLN A 154 8.50 -8.92 1.78
N ARG A 155 8.62 -8.36 0.58
CA ARG A 155 7.94 -8.95 -0.60
C ARG A 155 8.51 -10.33 -0.91
N GLN A 156 9.84 -10.48 -0.89
CA GLN A 156 10.47 -11.78 -1.23
C GLN A 156 10.05 -12.83 -0.20
N ALA A 157 10.01 -12.44 1.08
CA ALA A 157 9.62 -13.37 2.15
C ALA A 157 8.18 -13.84 1.92
N THR A 158 7.30 -12.92 1.52
CA THR A 158 5.89 -13.27 1.24
C THR A 158 5.85 -14.24 0.05
N LYS A 159 6.66 -13.99 -0.98
CA LYS A 159 6.73 -14.90 -2.16
C LYS A 159 7.23 -16.26 -1.69
N ASP A 160 8.21 -16.27 -0.78
CA ASP A 160 8.78 -17.54 -0.27
C ASP A 160 7.70 -18.32 0.48
N ALA A 161 6.83 -17.63 1.21
CA ALA A 161 5.73 -18.29 1.94
C ALA A 161 4.84 -19.00 0.92
N GLY A 162 4.54 -18.36 -0.20
CA GLY A 162 3.77 -19.03 -1.26
C GLY A 162 4.52 -20.21 -1.83
N THR A 163 5.83 -20.05 -2.05
CA THR A 163 6.65 -21.13 -2.65
C THR A 163 6.65 -22.35 -1.71
N ILE A 164 6.77 -22.11 -0.41
CA ILE A 164 6.77 -23.21 0.60
C ILE A 164 5.40 -23.90 0.53
N ALA A 165 4.33 -23.11 0.34
CA ALA A 165 2.95 -23.64 0.32
C ALA A 165 2.67 -24.42 -0.97
N GLY A 166 3.59 -24.37 -1.93
CA GLY A 166 3.40 -25.07 -3.21
C GLY A 166 2.78 -24.18 -4.26
N LEU A 167 2.73 -22.89 -3.97
CA LEU A 167 2.10 -21.93 -4.91
C LEU A 167 3.15 -21.28 -5.80
N ASN A 168 2.87 -21.15 -7.09
CA ASN A 168 3.78 -20.37 -7.96
C ASN A 168 3.27 -18.93 -7.89
N VAL A 169 4.01 -18.04 -7.22
CA VAL A 169 3.51 -16.65 -7.03
C VAL A 169 3.86 -15.88 -8.30
N LEU A 170 2.86 -15.66 -9.16
CA LEU A 170 3.12 -15.01 -10.46
C LEU A 170 3.63 -13.59 -10.20
N ARG A 171 3.00 -12.89 -9.25
CA ARG A 171 3.44 -11.51 -8.93
C ARG A 171 3.02 -11.14 -7.50
N ILE A 172 3.81 -10.28 -6.86
CA ILE A 172 3.42 -9.74 -5.53
C ILE A 172 2.91 -8.33 -5.83
N ILE A 173 1.67 -8.03 -5.49
CA ILE A 173 1.11 -6.69 -5.85
C ILE A 173 0.71 -5.94 -4.58
N ASN A 174 0.69 -4.61 -4.66
CA ASN A 174 0.31 -3.76 -3.50
C ASN A 174 -1.18 -3.91 -3.19
N GLU A 175 -1.54 -3.96 -1.92
CA GLU A 175 -2.96 -4.05 -1.51
C GLU A 175 -3.76 -2.83 -2.03
N PRO A 176 -3.29 -1.55 -1.92
CA PRO A 176 -4.05 -0.44 -2.48
C PRO A 176 -4.28 -0.58 -3.98
N THR A 177 -3.25 -1.05 -4.70
CA THR A 177 -3.37 -1.25 -6.17
C THR A 177 -4.42 -2.32 -6.46
N ALA A 178 -4.43 -3.40 -5.66
CA ALA A 178 -5.41 -4.49 -5.88
C ALA A 178 -6.83 -3.93 -5.72
N ALA A 179 -7.05 -3.09 -4.71
CA ALA A 179 -8.38 -2.53 -4.46
C ALA A 179 -8.79 -1.66 -5.64
N ALA A 180 -7.85 -0.89 -6.19
CA ALA A 180 -8.14 -0.04 -7.36
C ALA A 180 -8.50 -0.90 -8.57
N ILE A 181 -7.80 -2.02 -8.76
CA ILE A 181 -8.08 -2.95 -9.90
C ILE A 181 -9.50 -3.51 -9.74
N ALA A 182 -9.90 -3.81 -8.50
CA ALA A 182 -11.24 -4.36 -8.24
C ALA A 182 -12.30 -3.38 -8.72
N TYR A 183 -12.07 -2.09 -8.53
CA TYR A 183 -13.04 -1.04 -8.95
C TYR A 183 -12.82 -0.63 -10.42
N GLY A 184 -11.83 -1.23 -11.09
CA GLY A 184 -11.59 -0.94 -12.52
C GLY A 184 -11.17 0.49 -12.77
N LEU A 185 -10.48 1.10 -11.82
CA LEU A 185 -10.02 2.50 -11.96
C LEU A 185 -8.99 2.62 -13.09
N ASP A 186 -8.25 1.55 -13.37
CA ASP A 186 -7.26 1.53 -14.48
C ASP A 186 -7.95 1.68 -15.84
N LYS A 187 -9.19 1.21 -15.97
CA LYS A 187 -9.89 1.20 -17.28
C LYS A 187 -10.63 2.51 -17.55
N LYS A 188 -10.39 3.53 -16.74
CA LYS A 188 -11.03 4.86 -16.97
C LYS A 188 -10.39 5.52 -18.20
N VAL A 189 -11.19 5.96 -19.17
CA VAL A 189 -10.66 6.46 -20.49
C VAL A 189 -9.99 7.83 -20.43
N GLY A 190 -10.13 8.58 -19.34
CA GLY A 190 -9.61 9.97 -19.32
C GLY A 190 -8.14 10.10 -19.01
N ALA A 191 -7.71 11.31 -18.63
CA ALA A 191 -6.30 11.57 -18.27
C ALA A 191 -6.01 11.04 -16.86
N GLU A 192 -4.77 11.19 -16.38
CA GLU A 192 -4.38 10.62 -15.08
C GLU A 192 -5.42 10.87 -13.98
N ARG A 193 -5.60 9.87 -13.10
CA ARG A 193 -6.54 10.01 -11.96
C ARG A 193 -5.77 9.79 -10.66
N ASN A 194 -6.05 10.62 -9.65
CA ASN A 194 -5.42 10.46 -8.32
C ASN A 194 -6.40 9.69 -7.45
N VAL A 195 -5.97 8.59 -6.84
CA VAL A 195 -6.90 7.73 -6.06
C VAL A 195 -6.43 7.62 -4.61
N LEU A 196 -7.32 7.82 -3.65
CA LEU A 196 -6.95 7.62 -2.23
C LEU A 196 -7.56 6.30 -1.77
N ILE A 197 -6.73 5.40 -1.24
CA ILE A 197 -7.27 4.12 -0.70
C ILE A 197 -7.30 4.27 0.82
N PHE A 198 -8.50 4.25 1.40
CA PHE A 198 -8.65 4.36 2.86
C PHE A 198 -8.87 2.93 3.37
N ASP A 199 -7.86 2.38 4.04
CA ASP A 199 -7.95 0.96 4.43
C ASP A 199 -7.92 0.84 5.96
N LEU A 200 -9.08 0.55 6.56
CA LEU A 200 -9.17 0.41 8.03
C LEU A 200 -9.59 -1.02 8.34
N GLY A 201 -8.61 -1.86 8.68
CA GLY A 201 -8.88 -3.27 8.99
C GLY A 201 -9.07 -3.52 10.47
N GLY A 202 -9.02 -4.78 10.89
CA GLY A 202 -9.14 -5.13 12.31
C GLY A 202 -7.99 -4.59 13.14
N GLY A 203 -6.77 -4.59 12.58
CA GLY A 203 -5.60 -4.17 13.37
C GLY A 203 -4.73 -3.09 12.75
N THR A 204 -4.90 -2.80 11.45
CA THR A 204 -4.00 -1.81 10.81
C THR A 204 -4.78 -0.76 10.02
N PHE A 205 -4.25 0.46 9.98
CA PHE A 205 -4.89 1.54 9.19
C PHE A 205 -3.90 2.01 8.13
N ASP A 206 -4.29 1.93 6.85
CA ASP A 206 -3.38 2.32 5.75
C ASP A 206 -4.05 3.35 4.84
N VAL A 207 -3.37 4.46 4.58
CA VAL A 207 -3.89 5.45 3.58
C VAL A 207 -2.86 5.47 2.45
N SER A 208 -3.31 5.26 1.22
CA SER A 208 -2.39 5.24 0.06
C SER A 208 -2.90 6.17 -1.04
N ILE A 209 -2.02 6.97 -1.63
CA ILE A 209 -2.44 7.80 -2.79
C ILE A 209 -1.77 7.25 -4.04
N LEU A 210 -2.56 6.94 -5.06
CA LEU A 210 -2.01 6.34 -6.31
C LEU A 210 -2.38 7.22 -7.49
N THR A 211 -1.53 7.25 -8.52
CA THR A 211 -1.89 7.98 -9.77
C THR A 211 -1.98 6.91 -10.86
N ILE A 212 -3.07 6.91 -11.63
CA ILE A 212 -3.25 5.83 -12.64
C ILE A 212 -3.43 6.43 -14.03
N ALA A 213 -2.61 6.01 -15.00
CA ALA A 213 -2.82 6.42 -16.40
C ALA A 213 -2.29 5.33 -17.33
N ALA A 214 -2.99 5.06 -18.44
CA ALA A 214 -2.55 4.06 -19.44
C ALA A 214 -2.31 2.70 -18.78
N GLY A 215 -3.12 2.33 -17.79
CA GLY A 215 -2.98 1.02 -17.12
C GLY A 215 -1.80 0.97 -16.17
N ILE A 216 -1.18 2.12 -15.87
CA ILE A 216 0.05 2.14 -15.02
C ILE A 216 -0.29 2.78 -13.67
N PHE A 217 0.10 2.12 -12.57
CA PHE A 217 -0.19 2.64 -11.21
C PHE A 217 1.11 3.16 -10.58
N GLU A 218 1.06 4.34 -9.98
CA GLU A 218 2.23 4.86 -9.24
C GLU A 218 1.80 5.14 -7.80
N VAL A 219 2.56 4.66 -6.82
CA VAL A 219 2.25 4.95 -5.39
C VAL A 219 2.91 6.29 -5.04
N LYS A 220 2.12 7.36 -5.06
CA LYS A 220 2.64 8.71 -4.72
C LYS A 220 2.97 8.81 -3.23
N SER A 221 2.09 8.31 -2.36
CA SER A 221 2.31 8.48 -0.91
C SER A 221 1.66 7.37 -0.08
N THR A 222 2.21 7.10 1.09
CA THR A 222 1.61 6.10 2.02
C THR A 222 1.62 6.72 3.43
N ALA A 223 0.58 6.46 4.22
CA ALA A 223 0.50 6.97 5.61
C ALA A 223 -0.44 6.05 6.38
N GLY A 224 -0.44 6.12 7.71
CA GLY A 224 -1.40 5.33 8.49
C GLY A 224 -0.92 4.99 9.88
N ASP A 225 -1.64 4.11 10.57
CA ASP A 225 -1.23 3.65 11.91
C ASP A 225 -1.22 2.12 11.88
N THR A 226 -0.08 1.49 12.21
CA THR A 226 0.06 0.01 12.16
C THR A 226 -0.71 -0.61 13.33
N HIS A 227 -1.09 0.19 14.32
CA HIS A 227 -1.76 -0.34 15.54
C HIS A 227 -3.18 0.21 15.70
N LEU A 228 -3.84 0.65 14.63
CA LEU A 228 -5.25 1.12 14.75
C LEU A 228 -6.18 0.19 13.96
N GLY A 229 -7.24 -0.28 14.61
CA GLY A 229 -8.17 -1.20 13.95
C GLY A 229 -9.50 -1.33 14.67
N GLY A 230 -10.39 -2.17 14.14
CA GLY A 230 -11.71 -2.40 14.74
C GLY A 230 -11.62 -2.94 16.16
N GLU A 231 -10.58 -3.71 16.46
CA GLU A 231 -10.40 -4.28 17.81
C GLU A 231 -10.28 -3.14 18.83
N ASP A 232 -9.62 -2.05 18.45
CA ASP A 232 -9.47 -0.88 19.35
C ASP A 232 -10.86 -0.30 19.66
N PHE A 233 -11.73 -0.26 18.64
CA PHE A 233 -13.12 0.25 18.83
C PHE A 233 -13.86 -0.68 19.81
N ASP A 234 -13.63 -1.98 19.67
CA ASP A 234 -14.25 -2.98 20.58
C ASP A 234 -13.74 -2.76 22.01
N ASN A 235 -12.45 -2.46 22.16
CA ASN A 235 -11.85 -2.30 23.51
C ASN A 235 -12.50 -1.12 24.24
N ARG A 236 -12.78 -0.05 23.50
CA ARG A 236 -13.42 1.16 24.12
C ARG A 236 -14.80 0.77 24.66
N MET A 237 -15.54 -0.02 23.90
CA MET A 237 -16.88 -0.50 24.37
C MET A 237 -16.70 -1.41 25.60
N VAL A 238 -15.70 -2.29 25.58
CA VAL A 238 -15.50 -3.25 26.71
C VAL A 238 -15.18 -2.46 27.98
N ASN A 239 -14.27 -1.48 27.87
CA ASN A 239 -13.86 -0.68 29.07
C ASN A 239 -15.07 0.09 29.58
N HIS A 240 -15.90 0.60 28.67
CA HIS A 240 -17.12 1.34 29.08
C HIS A 240 -18.06 0.41 29.87
N PHE A 241 -18.27 -0.81 29.35
CA PHE A 241 -19.19 -1.77 30.03
C PHE A 241 -18.62 -2.20 31.39
N ILE A 242 -17.30 -2.38 31.46
CA ILE A 242 -16.67 -2.75 32.76
C ILE A 242 -16.95 -1.61 33.76
N ALA A 243 -16.81 -0.37 33.31
CA ALA A 243 -17.09 0.79 34.20
C ALA A 243 -18.57 0.81 34.59
N GLU A 244 -19.47 0.54 33.65
CA GLU A 244 -20.92 0.58 33.94
C GLU A 244 -21.29 -0.50 34.96
N PHE A 245 -20.72 -1.69 34.81
CA PHE A 245 -21.00 -2.80 35.76
C PHE A 245 -20.47 -2.40 37.13
N LYS A 246 -19.27 -1.83 37.17
CA LYS A 246 -18.66 -1.44 38.46
C LYS A 246 -19.52 -0.38 39.13
N ARG A 247 -20.02 0.58 38.35
CA ARG A 247 -20.84 1.65 38.94
C ARG A 247 -22.14 1.04 39.49
N LYS A 248 -22.79 0.19 38.71
CA LYS A 248 -24.09 -0.41 39.13
C LYS A 248 -23.96 -1.46 40.24
N HIS A 249 -22.96 -2.34 40.17
CA HIS A 249 -22.91 -3.47 41.15
C HIS A 249 -21.67 -3.42 42.06
N LYS A 250 -20.84 -2.40 41.94
CA LYS A 250 -19.64 -2.25 42.80
C LYS A 250 -18.73 -3.48 42.65
N LYS A 251 -18.65 -4.03 41.43
CA LYS A 251 -17.76 -5.20 41.18
C LYS A 251 -16.96 -4.99 39.90
N ASP A 252 -15.68 -5.37 39.90
CA ASP A 252 -14.84 -5.29 38.69
C ASP A 252 -14.76 -6.68 38.06
N ILE A 253 -15.20 -6.83 36.82
CA ILE A 253 -15.22 -8.15 36.14
C ILE A 253 -13.84 -8.41 35.51
N SER A 254 -12.92 -7.45 35.63
CA SER A 254 -11.58 -7.56 34.98
C SER A 254 -10.83 -8.78 35.52
N GLU A 255 -11.05 -9.13 36.78
CA GLU A 255 -10.37 -10.28 37.40
C GLU A 255 -10.72 -11.56 36.64
N ASN A 256 -11.97 -11.69 36.19
CA ASN A 256 -12.38 -12.95 35.51
C ASN A 256 -12.11 -12.84 34.00
N LYS A 257 -11.21 -13.68 33.49
CA LYS A 257 -10.83 -13.64 32.05
C LYS A 257 -12.04 -14.01 31.18
N ARG A 258 -12.79 -15.04 31.54
CA ARG A 258 -13.91 -15.48 30.67
C ARG A 258 -14.96 -14.37 30.57
N ALA A 259 -15.23 -13.71 31.70
CA ALA A 259 -16.26 -12.65 31.71
C ALA A 259 -15.86 -11.53 30.74
N VAL A 260 -14.58 -11.17 30.75
CA VAL A 260 -14.07 -10.11 29.82
C VAL A 260 -14.22 -10.62 28.38
N ARG A 261 -13.89 -11.90 28.15
CA ARG A 261 -13.98 -12.47 26.79
C ARG A 261 -15.43 -12.44 26.32
N ARG A 262 -16.37 -12.80 27.20
CA ARG A 262 -17.81 -12.81 26.84
C ARG A 262 -18.27 -11.39 26.51
N LEU A 263 -17.82 -10.42 27.31
CA LEU A 263 -18.19 -8.99 27.06
C LEU A 263 -17.61 -8.55 25.71
N ARG A 264 -16.36 -8.92 25.43
CA ARG A 264 -15.71 -8.51 24.17
C ARG A 264 -16.47 -9.10 22.98
N THR A 265 -16.90 -10.35 23.11
CA THR A 265 -17.67 -11.01 22.02
C THR A 265 -18.97 -10.25 21.79
N ALA A 266 -19.66 -9.88 22.88
CA ALA A 266 -20.93 -9.12 22.77
C ALA A 266 -20.67 -7.75 22.13
N CYS A 267 -19.57 -7.10 22.51
CA CYS A 267 -19.23 -5.77 21.97
C CYS A 267 -18.97 -5.83 20.47
N GLU A 268 -18.27 -6.86 19.99
CA GLU A 268 -17.98 -6.99 18.54
C GLU A 268 -19.31 -7.12 17.79
N ARG A 269 -20.23 -7.92 18.32
CA ARG A 269 -21.55 -8.12 17.68
C ARG A 269 -22.30 -6.79 17.67
N ALA A 270 -22.25 -6.06 18.79
CA ALA A 270 -22.96 -4.77 18.90
C ALA A 270 -22.40 -3.76 17.89
N LYS A 271 -21.07 -3.74 17.71
CA LYS A 271 -20.45 -2.79 16.76
C LYS A 271 -20.94 -3.07 15.34
N ARG A 272 -21.05 -4.35 14.96
CA ARG A 272 -21.59 -4.70 13.63
C ARG A 272 -23.04 -4.22 13.53
N THR A 273 -23.81 -4.42 14.58
CA THR A 273 -25.24 -4.01 14.57
C THR A 273 -25.30 -2.49 14.42
N LEU A 274 -24.39 -1.78 15.09
CA LEU A 274 -24.40 -0.28 15.07
C LEU A 274 -24.10 0.27 13.67
N SER A 275 -23.42 -0.49 12.82
CA SER A 275 -23.22 -0.04 11.41
C SER A 275 -24.54 0.05 10.65
N SER A 276 -25.49 -0.86 10.92
CA SER A 276 -26.77 -0.89 10.18
C SER A 276 -27.94 -0.39 11.03
N SER A 277 -27.78 -0.28 12.34
CA SER A 277 -28.89 0.13 13.24
C SER A 277 -28.41 1.22 14.19
N THR A 278 -29.33 1.99 14.77
CA THR A 278 -28.95 3.14 15.64
C THR A 278 -28.74 2.72 17.10
N GLN A 279 -29.10 1.49 17.45
CA GLN A 279 -28.92 1.00 18.84
C GLN A 279 -28.64 -0.50 18.83
N ALA A 280 -27.95 -0.99 19.86
CA ALA A 280 -27.67 -2.44 19.97
C ALA A 280 -27.91 -2.88 21.41
N SER A 281 -28.33 -4.13 21.60
CA SER A 281 -28.61 -4.64 22.97
C SER A 281 -27.48 -5.56 23.42
N ILE A 282 -27.01 -5.40 24.66
CA ILE A 282 -25.98 -6.32 25.20
C ILE A 282 -26.70 -7.19 26.22
N GLU A 283 -26.79 -8.49 25.95
CA GLU A 283 -27.54 -9.40 26.85
C GLU A 283 -26.61 -10.55 27.27
N ILE A 284 -26.10 -10.51 28.50
CA ILE A 284 -25.19 -11.57 29.00
C ILE A 284 -25.74 -12.12 30.31
N ASP A 285 -26.04 -13.41 30.35
CA ASP A 285 -26.53 -14.05 31.59
C ASP A 285 -25.35 -14.35 32.51
N SER A 286 -25.48 -14.05 33.80
CA SER A 286 -24.43 -14.41 34.80
C SER A 286 -23.03 -13.93 34.38
N LEU A 287 -22.89 -12.67 34.00
CA LEU A 287 -21.58 -12.15 33.56
C LEU A 287 -20.57 -12.24 34.71
N TYR A 288 -20.96 -11.80 35.90
CA TYR A 288 -20.03 -11.85 37.07
C TYR A 288 -20.84 -12.01 38.37
N GLU A 289 -20.41 -12.92 39.24
CA GLU A 289 -21.06 -13.13 40.56
C GLU A 289 -22.56 -13.41 40.36
N GLY A 290 -22.92 -14.08 39.26
CA GLY A 290 -24.32 -14.46 39.03
C GLY A 290 -25.17 -13.29 38.56
N ILE A 291 -24.56 -12.13 38.34
CA ILE A 291 -25.37 -10.93 37.98
C ILE A 291 -25.53 -10.88 36.45
N ASP A 292 -26.77 -10.90 35.99
CA ASP A 292 -27.04 -10.79 34.54
C ASP A 292 -26.72 -9.36 34.09
N PHE A 293 -26.08 -9.22 32.93
CA PHE A 293 -25.83 -7.85 32.40
C PHE A 293 -26.72 -7.63 31.17
N TYR A 294 -27.81 -6.90 31.35
CA TYR A 294 -28.70 -6.56 30.21
C TYR A 294 -28.67 -5.04 30.05
N THR A 295 -28.19 -4.56 28.90
CA THR A 295 -28.03 -3.10 28.70
C THR A 295 -28.07 -2.79 27.21
N SER A 296 -28.00 -1.51 26.85
CA SER A 296 -28.06 -1.11 25.43
C SER A 296 -26.99 -0.04 25.16
N ILE A 297 -26.57 0.10 23.91
CA ILE A 297 -25.62 1.18 23.53
C ILE A 297 -26.12 1.85 22.25
N THR A 298 -26.15 3.18 22.24
CA THR A 298 -26.57 3.93 21.03
C THR A 298 -25.37 4.10 20.09
N ARG A 299 -25.64 4.35 18.82
CA ARG A 299 -24.54 4.61 17.86
C ARG A 299 -23.81 5.87 18.34
N ALA A 300 -24.55 6.85 18.85
CA ALA A 300 -23.94 8.10 19.33
C ALA A 300 -22.96 7.84 20.47
N ARG A 301 -23.34 6.97 21.43
CA ARG A 301 -22.43 6.64 22.56
C ARG A 301 -21.19 5.94 22.02
N PHE A 302 -21.38 5.03 21.06
CA PHE A 302 -20.22 4.31 20.44
C PHE A 302 -19.31 5.33 19.76
N GLU A 303 -19.90 6.29 19.06
CA GLU A 303 -19.11 7.34 18.38
C GLU A 303 -18.35 8.17 19.41
N GLU A 304 -18.99 8.50 20.54
CA GLU A 304 -18.33 9.29 21.62
C GLU A 304 -17.15 8.51 22.20
N LEU A 305 -17.33 7.21 22.43
CA LEU A 305 -16.27 6.37 23.02
C LEU A 305 -15.07 6.32 22.08
N ASN A 306 -15.31 6.35 20.77
CA ASN A 306 -14.20 6.24 19.77
C ASN A 306 -13.97 7.58 19.05
N ALA A 307 -14.40 8.70 19.62
CA ALA A 307 -14.34 9.99 18.88
C ALA A 307 -12.91 10.34 18.46
N ASP A 308 -11.95 10.18 19.36
CA ASP A 308 -10.54 10.51 19.05
C ASP A 308 -10.01 9.59 17.95
N LEU A 309 -10.32 8.29 18.04
CA LEU A 309 -9.80 7.32 17.05
C LEU A 309 -10.40 7.62 15.67
N PHE A 310 -11.71 7.89 15.62
CA PHE A 310 -12.38 8.11 14.31
C PHE A 310 -11.85 9.40 13.65
N ARG A 311 -11.74 10.48 14.41
CA ARG A 311 -11.26 11.78 13.86
C ARG A 311 -9.78 11.66 13.48
N GLY A 312 -9.02 10.88 14.24
CA GLY A 312 -7.58 10.72 13.99
C GLY A 312 -7.26 10.12 12.64
N THR A 313 -8.21 9.39 12.06
CA THR A 313 -8.01 8.73 10.73
C THR A 313 -7.72 9.79 9.67
N LEU A 314 -8.28 10.99 9.83
CA LEU A 314 -8.06 12.10 8.87
C LEU A 314 -6.59 12.56 8.88
N ASP A 315 -5.90 12.44 10.00
CA ASP A 315 -4.49 12.94 10.09
C ASP A 315 -3.57 12.22 9.10
N PRO A 316 -3.58 10.87 8.97
CA PRO A 316 -2.81 10.18 7.93
C PRO A 316 -3.27 10.59 6.51
N VAL A 317 -4.57 10.84 6.33
CA VAL A 317 -5.06 11.32 5.02
C VAL A 317 -4.39 12.66 4.68
N GLU A 318 -4.31 13.56 5.66
CA GLU A 318 -3.66 14.88 5.43
C GLU A 318 -2.17 14.68 5.11
N LYS A 319 -1.51 13.79 5.85
CA LYS A 319 -0.05 13.57 5.63
C LYS A 319 0.16 12.98 4.24
N ALA A 320 -0.67 12.03 3.83
CA ALA A 320 -0.48 11.37 2.52
C ALA A 320 -0.65 12.44 1.43
N LEU A 321 -1.62 13.32 1.59
CA LEU A 321 -1.88 14.36 0.57
C LEU A 321 -0.66 15.30 0.47
N ARG A 322 -0.08 15.66 1.61
CA ARG A 322 1.11 16.54 1.62
C ARG A 322 2.29 15.84 0.94
N ASP A 323 2.51 14.56 1.26
CA ASP A 323 3.64 13.79 0.67
C ASP A 323 3.43 13.65 -0.83
N ALA A 324 2.18 13.48 -1.26
CA ALA A 324 1.87 13.37 -2.70
C ALA A 324 1.88 14.74 -3.36
N LYS A 325 2.01 15.81 -2.56
CA LYS A 325 1.96 17.20 -3.10
C LYS A 325 0.64 17.40 -3.84
N LEU A 326 -0.45 16.94 -3.24
CA LEU A 326 -1.78 17.07 -3.87
C LEU A 326 -2.75 17.74 -2.89
N ASP A 327 -3.64 18.58 -3.40
CA ASP A 327 -4.72 19.15 -2.54
C ASP A 327 -5.84 18.10 -2.49
N LYS A 328 -6.71 18.17 -1.49
CA LYS A 328 -7.83 17.19 -1.35
C LYS A 328 -8.71 17.28 -2.60
N SER A 329 -8.85 18.48 -3.17
CA SER A 329 -9.71 18.71 -4.35
C SER A 329 -9.19 17.91 -5.55
N GLN A 330 -7.89 17.59 -5.57
CA GLN A 330 -7.27 16.90 -6.73
C GLN A 330 -7.48 15.38 -6.68
N ILE A 331 -8.10 14.86 -5.62
CA ILE A 331 -8.39 13.39 -5.57
C ILE A 331 -9.63 13.09 -6.42
N HIS A 332 -9.49 12.19 -7.40
CA HIS A 332 -10.61 11.85 -8.32
C HIS A 332 -11.40 10.66 -7.79
N ASP A 333 -10.75 9.73 -7.09
CA ASP A 333 -11.44 8.50 -6.63
C ASP A 333 -11.07 8.18 -5.18
N ILE A 334 -12.05 7.84 -4.35
CA ILE A 334 -11.76 7.42 -2.95
C ILE A 334 -12.30 5.99 -2.78
N VAL A 335 -11.48 5.06 -2.29
CA VAL A 335 -11.90 3.64 -2.18
C VAL A 335 -11.86 3.22 -0.71
N LEU A 336 -12.93 2.59 -0.23
CA LEU A 336 -12.99 2.13 1.17
C LEU A 336 -12.63 0.65 1.23
N VAL A 337 -11.61 0.31 2.04
CA VAL A 337 -11.19 -1.11 2.19
C VAL A 337 -11.14 -1.44 3.69
N GLY A 338 -11.53 -2.65 4.06
CA GLY A 338 -11.52 -3.07 5.47
C GLY A 338 -12.89 -2.98 6.10
N GLY A 339 -13.19 -3.89 7.03
CA GLY A 339 -14.54 -3.95 7.64
C GLY A 339 -14.90 -2.70 8.38
N SER A 340 -13.93 -2.07 9.05
CA SER A 340 -14.19 -0.87 9.88
C SER A 340 -14.69 0.31 9.03
N THR A 341 -14.45 0.30 7.72
CA THR A 341 -14.97 1.36 6.82
C THR A 341 -16.50 1.35 6.78
N ARG A 342 -17.13 0.24 7.16
CA ARG A 342 -18.61 0.16 7.20
C ARG A 342 -19.18 1.12 8.26
N ILE A 343 -18.38 1.47 9.27
CA ILE A 343 -18.91 2.33 10.38
C ILE A 343 -19.38 3.65 9.78
N PRO A 344 -20.63 4.07 10.03
CA PRO A 344 -21.18 5.29 9.42
C PRO A 344 -20.40 6.57 9.75
N LYS A 345 -19.91 6.70 10.98
CA LYS A 345 -19.16 7.90 11.40
C LYS A 345 -17.89 8.04 10.55
N ILE A 346 -17.19 6.94 10.31
CA ILE A 346 -15.93 6.99 9.51
C ILE A 346 -16.27 7.48 8.11
N GLN A 347 -17.34 6.96 7.52
CA GLN A 347 -17.73 7.37 6.15
C GLN A 347 -18.10 8.86 6.15
N LYS A 348 -18.83 9.30 7.16
CA LYS A 348 -19.25 10.73 7.23
C LYS A 348 -18.02 11.63 7.35
N LEU A 349 -17.07 11.25 8.21
CA LEU A 349 -15.88 12.11 8.43
C LEU A 349 -15.10 12.23 7.13
N LEU A 350 -14.89 11.11 6.43
CA LEU A 350 -14.09 11.14 5.17
C LEU A 350 -14.83 11.94 4.10
N GLN A 351 -16.14 11.72 3.96
CA GLN A 351 -16.94 12.44 2.93
C GLN A 351 -16.95 13.94 3.24
N ASP A 352 -17.14 14.30 4.50
CA ASP A 352 -17.15 15.73 4.90
C ASP A 352 -15.78 16.34 4.59
N PHE A 353 -14.71 15.60 4.87
CA PHE A 353 -13.33 16.07 4.60
C PHE A 353 -13.19 16.31 3.09
N PHE A 354 -13.81 15.46 2.28
CA PHE A 354 -13.67 15.56 0.80
C PHE A 354 -14.81 16.39 0.20
N ASN A 355 -15.49 17.17 1.04
CA ASN A 355 -16.55 18.11 0.54
C ASN A 355 -17.69 17.39 -0.18
N GLY A 356 -18.15 16.26 0.36
CA GLY A 356 -19.33 15.58 -0.21
C GLY A 356 -19.01 14.56 -1.28
N LYS A 357 -17.72 14.34 -1.55
CA LYS A 357 -17.35 13.41 -2.66
C LYS A 357 -17.89 12.02 -2.35
N GLU A 358 -18.49 11.38 -3.35
CA GLU A 358 -19.02 10.01 -3.15
C GLU A 358 -17.86 9.04 -2.91
N LEU A 359 -18.13 7.98 -2.14
CA LEU A 359 -17.07 7.00 -1.79
C LEU A 359 -17.33 5.68 -2.52
N ASN A 360 -16.27 5.04 -3.03
CA ASN A 360 -16.42 3.72 -3.69
C ASN A 360 -16.46 2.65 -2.59
N LYS A 361 -17.63 2.07 -2.34
CA LYS A 361 -17.80 1.07 -1.27
C LYS A 361 -18.69 -0.09 -1.72
N SER A 362 -18.97 -0.16 -3.02
CA SER A 362 -19.91 -1.19 -3.56
C SER A 362 -19.37 -2.60 -3.33
N ILE A 363 -18.06 -2.80 -3.50
CA ILE A 363 -17.42 -4.13 -3.23
C ILE A 363 -17.24 -4.31 -1.73
N ASN A 364 -17.48 -5.51 -1.23
CA ASN A 364 -17.38 -5.76 0.23
C ASN A 364 -15.98 -5.31 0.63
N PRO A 365 -15.85 -4.43 1.65
CA PRO A 365 -14.55 -3.88 2.02
C PRO A 365 -13.58 -4.97 2.48
N ASP A 366 -14.09 -6.01 3.13
CA ASP A 366 -13.25 -7.15 3.58
C ASP A 366 -12.70 -7.93 2.37
N GLU A 367 -13.41 -7.94 1.24
CA GLU A 367 -13.01 -8.80 0.10
C GLU A 367 -12.41 -8.04 -1.09
N ALA A 368 -12.33 -6.72 -1.04
CA ALA A 368 -11.88 -5.95 -2.23
C ALA A 368 -10.45 -6.30 -2.66
N VAL A 369 -9.53 -6.44 -1.71
CA VAL A 369 -8.10 -6.69 -2.07
C VAL A 369 -7.97 -8.05 -2.75
N ALA A 370 -8.63 -9.08 -2.20
CA ALA A 370 -8.61 -10.42 -2.82
C ALA A 370 -9.26 -10.34 -4.19
N TYR A 371 -10.32 -9.53 -4.32
CA TYR A 371 -11.05 -9.40 -5.61
C TYR A 371 -10.09 -8.84 -6.67
N GLY A 372 -9.33 -7.81 -6.33
CA GLY A 372 -8.35 -7.23 -7.27
C GLY A 372 -7.25 -8.21 -7.59
N ALA A 373 -6.77 -8.92 -6.57
CA ALA A 373 -5.72 -9.93 -6.78
C ALA A 373 -6.22 -11.00 -7.75
N ALA A 374 -7.48 -11.39 -7.61
CA ALA A 374 -8.07 -12.43 -8.50
C ALA A 374 -8.12 -11.91 -9.93
N VAL A 375 -8.51 -10.65 -10.12
CA VAL A 375 -8.58 -10.07 -11.49
C VAL A 375 -7.17 -10.06 -12.10
N GLN A 376 -6.17 -9.63 -11.32
CA GLN A 376 -4.77 -9.56 -11.83
C GLN A 376 -4.28 -10.97 -12.15
N ALA A 377 -4.63 -11.94 -11.31
CA ALA A 377 -4.16 -13.33 -11.51
C ALA A 377 -4.71 -13.86 -12.84
N ALA A 378 -5.97 -13.58 -13.13
CA ALA A 378 -6.58 -14.04 -14.39
C ALA A 378 -5.89 -13.37 -15.58
N ILE A 379 -5.58 -12.08 -15.46
CA ILE A 379 -4.96 -11.34 -16.60
C ILE A 379 -3.61 -12.00 -16.89
N LEU A 380 -2.81 -12.26 -15.86
CA LEU A 380 -1.48 -12.89 -16.04
C LEU A 380 -1.65 -14.32 -16.55
N SER A 381 -2.64 -15.05 -16.04
CA SER A 381 -2.85 -16.47 -16.45
C SER A 381 -3.24 -16.57 -17.92
N GLY A 382 -4.07 -15.65 -18.41
CA GLY A 382 -4.47 -15.65 -19.83
C GLY A 382 -5.51 -14.58 -20.11
N ASP A 395 -3.70 9.36 -25.73
CA ASP A 395 -2.24 9.18 -25.95
C ASP A 395 -1.48 10.06 -24.96
N VAL A 396 -0.78 9.45 -24.00
CA VAL A 396 -0.05 10.22 -22.96
C VAL A 396 1.42 9.80 -22.98
N THR A 397 2.30 10.66 -22.47
CA THR A 397 3.75 10.35 -22.47
C THR A 397 3.98 9.16 -21.52
N PRO A 398 4.68 8.10 -21.97
CA PRO A 398 4.98 6.97 -21.09
C PRO A 398 5.89 7.32 -19.92
N LEU A 399 6.91 8.15 -20.15
CA LEU A 399 7.90 8.46 -19.09
C LEU A 399 8.15 9.97 -19.03
N SER A 400 8.55 10.47 -17.86
CA SER A 400 8.87 11.91 -17.69
C SER A 400 10.07 12.26 -18.58
N LEU A 401 10.05 13.45 -19.18
CA LEU A 401 11.14 13.87 -20.10
C LEU A 401 11.78 15.14 -19.55
N GLY A 402 13.11 15.20 -19.58
CA GLY A 402 13.82 16.34 -18.98
C GLY A 402 15.27 16.43 -19.42
N ILE A 403 16.01 17.37 -18.83
CA ILE A 403 17.46 17.53 -19.18
C ILE A 403 18.31 17.46 -17.92
N GLU A 404 19.58 17.15 -18.09
CA GLU A 404 20.49 17.08 -16.92
C GLU A 404 20.85 18.49 -16.47
N THR A 405 20.64 18.77 -15.19
CA THR A 405 21.05 20.07 -14.62
C THR A 405 22.31 19.84 -13.80
N ALA A 406 22.93 20.90 -13.28
CA ALA A 406 24.22 20.75 -12.58
C ALA A 406 24.12 19.72 -11.46
N GLY A 407 25.13 18.87 -11.33
CA GLY A 407 25.13 17.81 -10.31
C GLY A 407 24.54 16.49 -10.80
N GLY A 408 24.22 16.38 -12.09
CA GLY A 408 23.62 15.16 -12.66
C GLY A 408 22.16 15.02 -12.30
N VAL A 409 21.52 16.13 -11.94
CA VAL A 409 20.10 16.10 -11.49
C VAL A 409 19.16 16.07 -12.70
N MET A 410 18.04 15.36 -12.59
CA MET A 410 17.04 15.32 -13.68
C MET A 410 16.06 16.48 -13.46
N THR A 411 16.01 17.43 -14.39
CA THR A 411 15.00 18.51 -14.30
C THR A 411 13.94 18.20 -15.34
N VAL A 412 12.72 17.91 -14.89
CA VAL A 412 11.65 17.46 -15.84
C VAL A 412 11.02 18.66 -16.55
N LEU A 413 10.89 18.58 -17.87
CA LEU A 413 10.18 19.64 -18.63
C LEU A 413 8.78 19.13 -18.97
N ILE A 414 8.65 17.84 -19.28
CA ILE A 414 7.31 17.25 -19.57
C ILE A 414 7.09 16.08 -18.62
N LYS A 415 6.07 16.17 -17.76
CA LYS A 415 5.80 15.11 -16.77
C LYS A 415 5.21 13.89 -17.47
N ARG A 416 5.34 12.71 -16.85
CA ARG A 416 4.73 11.49 -17.43
C ARG A 416 3.21 11.64 -17.39
N ASN A 417 2.51 10.94 -18.29
CA ASN A 417 1.03 10.98 -18.36
C ASN A 417 0.57 12.33 -18.94
N THR A 418 1.44 13.02 -19.68
CA THR A 418 1.07 14.31 -20.32
C THR A 418 0.49 14.02 -21.71
N THR A 419 -0.66 14.60 -22.03
CA THR A 419 -1.33 14.35 -23.33
C THR A 419 -0.50 14.93 -24.47
N ILE A 420 -0.45 14.23 -25.61
CA ILE A 420 0.32 14.71 -26.80
C ILE A 420 -0.69 15.04 -27.90
N PRO A 421 -0.45 16.05 -28.77
CA PRO A 421 0.79 16.82 -28.80
C PRO A 421 0.96 17.81 -27.64
N THR A 422 2.21 18.09 -27.26
CA THR A 422 2.48 19.08 -26.19
C THR A 422 3.77 19.86 -26.47
N LYS A 423 3.85 21.10 -25.98
CA LYS A 423 5.09 21.90 -26.11
C LYS A 423 5.37 22.47 -24.72
N GLN A 424 6.54 22.18 -24.14
CA GLN A 424 6.90 22.76 -22.82
C GLN A 424 8.22 23.52 -22.93
N THR A 425 8.27 24.73 -22.39
CA THR A 425 9.49 25.56 -22.48
C THR A 425 9.92 26.00 -21.08
N GLN A 426 11.21 25.90 -20.77
CA GLN A 426 11.75 26.39 -19.46
C GLN A 426 13.04 27.15 -19.75
N THR A 427 13.39 28.08 -18.86
CA THR A 427 14.61 28.91 -19.06
C THR A 427 15.70 28.42 -18.11
N PHE A 428 16.92 28.34 -18.60
CA PHE A 428 18.05 27.81 -17.80
C PHE A 428 19.23 28.80 -17.87
N THR A 429 20.20 28.64 -16.98
CA THR A 429 21.38 29.54 -16.93
C THR A 429 22.66 28.73 -16.72
N THR A 430 23.82 29.37 -16.85
CA THR A 430 25.14 28.71 -16.63
C THR A 430 25.41 28.48 -15.14
N TYR A 431 26.11 27.38 -14.81
CA TYR A 431 26.46 27.07 -13.40
C TYR A 431 27.80 27.71 -13.02
N SER A 432 28.65 28.03 -14.01
CA SER A 432 30.01 28.54 -13.71
C SER A 432 30.24 29.89 -14.37
N ASP A 433 31.20 30.67 -13.85
CA ASP A 433 31.49 32.01 -14.40
C ASP A 433 32.09 31.88 -15.79
N ASN A 434 31.72 32.79 -16.70
CA ASN A 434 32.30 32.81 -18.07
C ASN A 434 32.16 31.45 -18.75
N GLN A 435 30.97 30.83 -18.65
CA GLN A 435 30.79 29.48 -19.24
C GLN A 435 30.59 29.66 -20.74
N PRO A 436 31.47 29.08 -21.58
CA PRO A 436 31.39 29.26 -23.03
C PRO A 436 30.15 28.61 -23.67
N GLY A 437 29.70 27.49 -23.10
CA GLY A 437 28.57 26.77 -23.69
C GLY A 437 27.83 25.90 -22.69
N VAL A 438 26.69 25.36 -23.09
CA VAL A 438 25.92 24.43 -22.21
C VAL A 438 25.73 23.11 -22.98
N LEU A 439 25.74 21.99 -22.27
CA LEU A 439 25.46 20.69 -22.93
C LEU A 439 24.03 20.29 -22.60
N ILE A 440 23.19 20.14 -23.62
CA ILE A 440 21.77 19.77 -23.39
C ILE A 440 21.69 18.25 -23.50
N GLN A 441 21.38 17.59 -22.38
CA GLN A 441 21.34 16.11 -22.36
C GLN A 441 19.90 15.70 -22.08
N VAL A 442 19.28 15.01 -23.03
CA VAL A 442 17.83 14.67 -22.88
C VAL A 442 17.71 13.29 -22.22
N TYR A 443 16.91 13.21 -21.16
CA TYR A 443 16.75 11.93 -20.41
C TYR A 443 15.28 11.59 -20.21
N GLU A 444 14.98 10.30 -20.06
CA GLU A 444 13.60 9.85 -19.76
C GLU A 444 13.64 9.02 -18.47
N GLY A 445 12.68 9.25 -17.57
CA GLY A 445 12.61 8.43 -16.35
C GLY A 445 11.99 9.17 -15.18
N GLU A 446 11.78 8.49 -14.06
CA GLU A 446 11.10 9.09 -12.89
C GLU A 446 12.08 9.29 -11.74
N ARG A 447 13.36 9.00 -11.98
CA ARG A 447 14.38 9.10 -10.90
C ARG A 447 14.92 10.54 -10.81
N ALA A 448 15.36 10.94 -9.62
CA ALA A 448 15.94 12.29 -9.41
C ALA A 448 17.25 12.48 -10.18
N MET A 449 18.05 11.43 -10.29
CA MET A 449 19.39 11.57 -10.93
C MET A 449 19.41 10.95 -12.33
N THR A 450 20.06 11.62 -13.27
CA THR A 450 20.11 11.16 -14.69
C THR A 450 20.80 9.80 -14.82
N LYS A 451 21.69 9.45 -13.90
CA LYS A 451 22.41 8.15 -13.93
C LYS A 451 21.37 7.02 -13.83
N ASP A 452 20.28 7.27 -13.10
CA ASP A 452 19.23 6.24 -12.90
C ASP A 452 18.15 6.35 -13.98
N ASN A 453 18.28 7.32 -14.88
CA ASN A 453 17.30 7.50 -15.97
C ASN A 453 17.93 7.07 -17.31
N ASN A 454 17.20 7.18 -18.41
CA ASN A 454 17.72 6.74 -19.74
C ASN A 454 18.11 7.94 -20.59
N LEU A 455 19.35 7.95 -21.11
CA LEU A 455 19.80 9.06 -22.00
C LEU A 455 19.24 8.84 -23.40
N LEU A 456 18.60 9.86 -23.97
CA LEU A 456 17.98 9.73 -25.30
C LEU A 456 18.83 10.45 -26.36
N GLY A 457 19.39 11.59 -26.01
CA GLY A 457 20.21 12.36 -26.97
C GLY A 457 20.95 13.50 -26.30
N LYS A 458 21.95 14.05 -26.96
CA LYS A 458 22.65 15.23 -26.41
C LYS A 458 23.08 16.19 -27.52
N PHE A 459 23.11 17.49 -27.22
CA PHE A 459 23.59 18.49 -28.20
C PHE A 459 24.23 19.64 -27.44
N GLU A 460 25.06 20.43 -28.11
CA GLU A 460 25.80 21.52 -27.44
C GLU A 460 25.32 22.87 -27.94
N LEU A 461 25.17 23.84 -27.04
CA LEU A 461 24.90 25.23 -27.49
C LEU A 461 26.17 25.99 -27.10
N THR A 462 26.92 26.48 -28.08
CA THR A 462 28.21 27.15 -27.82
C THR A 462 28.12 28.62 -28.19
N GLY A 463 29.18 29.39 -27.91
CA GLY A 463 29.20 30.81 -28.29
C GLY A 463 28.46 31.68 -27.30
N ILE A 464 28.22 31.14 -26.10
CA ILE A 464 27.57 31.98 -25.05
C ILE A 464 28.54 33.12 -24.71
N PRO A 465 28.09 34.39 -24.75
CA PRO A 465 28.98 35.51 -24.47
C PRO A 465 29.46 35.41 -23.03
N PRO A 466 30.75 35.67 -22.74
CA PRO A 466 31.27 35.49 -21.38
C PRO A 466 30.48 36.34 -20.39
N ALA A 467 30.04 35.72 -19.29
CA ALA A 467 29.19 36.44 -18.31
C ALA A 467 29.30 35.76 -16.94
N PRO A 468 28.89 36.42 -15.84
CA PRO A 468 28.89 35.77 -14.53
C PRO A 468 27.86 34.63 -14.49
N ARG A 469 28.09 33.66 -13.61
CA ARG A 469 27.15 32.52 -13.48
C ARG A 469 25.76 33.04 -13.12
N GLY A 470 24.71 32.47 -13.72
CA GLY A 470 23.33 32.87 -13.41
C GLY A 470 22.80 33.98 -14.30
N VAL A 471 23.65 34.55 -15.14
CA VAL A 471 23.24 35.68 -16.00
C VAL A 471 22.80 35.20 -17.40
N PRO A 472 23.54 34.33 -18.12
CA PRO A 472 23.10 33.93 -19.45
C PRO A 472 21.74 33.21 -19.40
N GLN A 473 20.88 33.49 -20.37
CA GLN A 473 19.53 32.87 -20.39
C GLN A 473 19.41 31.91 -21.58
N ILE A 474 19.14 30.64 -21.30
CA ILE A 474 19.02 29.59 -22.36
C ILE A 474 17.62 28.99 -22.29
N GLU A 475 16.80 29.23 -23.31
CA GLU A 475 15.42 28.68 -23.35
C GLU A 475 15.45 27.30 -23.99
N VAL A 476 15.06 26.26 -23.24
CA VAL A 476 15.03 24.87 -23.77
C VAL A 476 13.57 24.50 -24.00
N THR A 477 13.25 24.03 -25.20
CA THR A 477 11.85 23.69 -25.54
C THR A 477 11.74 22.21 -25.91
N PHE A 478 10.77 21.52 -25.32
CA PHE A 478 10.51 20.10 -25.70
C PHE A 478 9.19 20.12 -26.50
N ASP A 479 9.24 19.67 -27.75
CA ASP A 479 8.02 19.64 -28.59
C ASP A 479 7.74 18.19 -28.99
N ILE A 480 6.56 17.69 -28.65
CA ILE A 480 6.18 16.30 -29.06
C ILE A 480 5.01 16.40 -30.02
N ASP A 481 5.13 15.77 -31.19
CA ASP A 481 4.03 15.76 -32.19
C ASP A 481 3.03 14.68 -31.81
N ALA A 482 1.93 14.58 -32.56
CA ALA A 482 0.91 13.54 -32.28
C ALA A 482 1.54 12.15 -32.44
N ASN A 483 2.50 12.01 -33.36
CA ASN A 483 3.18 10.71 -33.59
C ASN A 483 4.14 10.38 -32.44
N GLY A 484 4.42 11.34 -31.56
CA GLY A 484 5.28 11.08 -30.39
C GLY A 484 6.75 11.38 -30.66
N ILE A 485 7.06 11.93 -31.83
CA ILE A 485 8.46 12.34 -32.12
C ILE A 485 8.80 13.51 -31.21
N LEU A 486 9.98 13.50 -30.59
CA LEU A 486 10.37 14.57 -29.65
C LEU A 486 11.41 15.47 -30.31
N ASN A 487 11.12 16.77 -30.37
CA ASN A 487 12.13 17.73 -30.89
C ASN A 487 12.54 18.60 -29.72
N VAL A 488 13.84 18.60 -29.40
CA VAL A 488 14.34 19.42 -28.26
C VAL A 488 15.20 20.53 -28.85
N SER A 489 14.89 21.77 -28.47
CA SER A 489 15.63 22.94 -29.03
C SER A 489 16.13 23.82 -27.88
N ALA A 490 17.31 24.42 -28.07
CA ALA A 490 17.83 25.39 -27.06
C ALA A 490 18.19 26.68 -27.79
N VAL A 491 17.78 27.83 -27.25
CA VAL A 491 18.09 29.13 -27.88
C VAL A 491 18.81 30.03 -26.86
N ASP A 492 19.90 30.67 -27.28
CA ASP A 492 20.56 31.66 -26.41
C ASP A 492 19.71 32.92 -26.53
N LYS A 493 19.06 33.34 -25.46
CA LYS A 493 18.13 34.51 -25.51
C LYS A 493 18.87 35.80 -25.86
N SER A 494 20.15 35.89 -25.50
CA SER A 494 20.97 37.09 -25.84
C SER A 494 21.22 37.23 -27.34
N THR A 495 21.45 36.12 -28.05
CA THR A 495 21.83 36.21 -29.49
C THR A 495 20.77 35.65 -30.45
N GLY A 496 19.90 34.76 -29.98
CA GLY A 496 18.94 34.09 -30.88
C GLY A 496 19.54 32.86 -31.53
N LYS A 497 20.82 32.60 -31.26
CA LYS A 497 21.51 31.39 -31.81
C LYS A 497 20.84 30.15 -31.23
N GLU A 498 20.75 29.10 -32.04
CA GLU A 498 19.98 27.91 -31.57
C GLU A 498 20.60 26.59 -32.03
N ASN A 499 20.24 25.50 -31.34
CA ASN A 499 20.66 24.15 -31.79
C ASN A 499 19.50 23.21 -31.40
N LYS A 500 19.36 22.09 -32.10
CA LYS A 500 18.20 21.20 -31.80
C LYS A 500 18.54 19.74 -32.11
N ILE A 501 17.77 18.83 -31.54
CA ILE A 501 17.96 17.38 -31.84
C ILE A 501 16.56 16.79 -32.06
N THR A 502 16.45 15.82 -32.95
CA THR A 502 15.16 15.12 -33.13
C THR A 502 15.33 13.72 -32.55
N ILE A 503 14.47 13.34 -31.60
CA ILE A 503 14.55 11.98 -31.01
C ILE A 503 13.38 11.17 -31.57
N THR A 504 13.68 10.12 -32.33
CA THR A 504 12.64 9.31 -33.00
C THR A 504 11.84 8.53 -31.96
N ASN A 505 10.56 8.27 -32.24
CA ASN A 505 9.75 7.41 -31.33
C ASN A 505 9.85 5.98 -31.87
N ASP A 506 10.73 5.17 -31.28
CA ASP A 506 10.93 3.81 -31.81
C ASP A 506 9.80 2.93 -31.27
N LYS A 507 9.05 2.30 -32.17
CA LYS A 507 7.90 1.48 -31.74
C LYS A 507 8.43 0.25 -31.02
N GLY A 508 7.87 -0.07 -29.85
CA GLY A 508 8.28 -1.29 -29.14
C GLY A 508 9.56 -1.13 -28.35
N ARG A 509 10.10 0.09 -28.28
CA ARG A 509 11.31 0.30 -27.44
C ARG A 509 10.96 0.04 -25.98
N LEU A 510 9.81 0.52 -25.53
CA LEU A 510 9.41 0.36 -24.11
C LEU A 510 8.14 -0.49 -24.01
N SER A 511 8.19 -1.56 -23.23
CA SER A 511 6.99 -2.39 -22.97
C SER A 511 6.21 -1.80 -21.80
N LYS A 512 4.99 -2.27 -21.55
CA LYS A 512 4.23 -1.81 -20.37
C LYS A 512 5.04 -2.18 -19.13
N GLU A 513 5.61 -3.39 -19.12
CA GLU A 513 6.41 -3.85 -17.96
C GLU A 513 7.62 -2.95 -17.76
N ASP A 514 8.24 -2.49 -18.86
CA ASP A 514 9.43 -1.63 -18.74
C ASP A 514 9.05 -0.34 -18.00
N ILE A 515 7.92 0.26 -18.36
CA ILE A 515 7.44 1.51 -17.69
C ILE A 515 7.14 1.19 -16.23
N GLU A 516 6.50 0.05 -15.98
CA GLU A 516 6.12 -0.31 -14.60
C GLU A 516 7.37 -0.45 -13.74
N ARG A 517 8.42 -1.07 -14.29
CA ARG A 517 9.67 -1.29 -13.52
C ARG A 517 10.28 0.06 -13.16
N MET A 518 10.31 0.98 -14.11
CA MET A 518 10.90 2.32 -13.86
C MET A 518 10.07 3.09 -12.83
N VAL A 519 8.74 3.01 -12.93
CA VAL A 519 7.85 3.67 -11.93
C VAL A 519 8.07 3.02 -10.56
N GLN A 520 8.15 1.69 -10.53
CA GLN A 520 8.33 0.95 -9.25
C GLN A 520 9.68 1.33 -8.64
N GLU A 521 10.71 1.47 -9.48
CA GLU A 521 12.06 1.81 -8.99
C GLU A 521 12.00 3.19 -8.33
N ALA A 522 11.26 4.11 -8.93
CA ALA A 522 11.11 5.46 -8.33
C ALA A 522 10.41 5.37 -6.98
N GLU A 523 9.37 4.53 -6.87
CA GLU A 523 8.66 4.35 -5.58
C GLU A 523 9.64 3.81 -4.53
N LYS A 524 10.46 2.84 -4.92
CA LYS A 524 11.42 2.19 -3.99
C LYS A 524 12.43 3.21 -3.46
N TYR A 525 12.88 4.13 -4.30
CA TYR A 525 13.96 5.07 -3.89
C TYR A 525 13.43 6.50 -3.67
N LYS A 526 12.13 6.67 -3.41
CA LYS A 526 11.56 8.04 -3.32
C LYS A 526 12.27 8.87 -2.23
N ALA A 527 12.50 8.27 -1.06
CA ALA A 527 13.11 9.02 0.05
C ALA A 527 14.52 9.47 -0.33
N GLU A 528 15.31 8.55 -0.90
CA GLU A 528 16.69 8.87 -1.32
C GLU A 528 16.65 9.92 -2.42
N ASP A 529 15.70 9.78 -3.36
CA ASP A 529 15.63 10.71 -4.52
C ASP A 529 15.34 12.13 -4.05
N GLU A 530 14.44 12.31 -3.07
CA GLU A 530 14.07 13.66 -2.62
C GLU A 530 15.33 14.38 -2.10
N LYS A 531 16.15 13.68 -1.33
CA LYS A 531 17.36 14.29 -0.75
C LYS A 531 18.25 14.80 -1.88
N GLN A 532 18.36 14.03 -2.97
CA GLN A 532 19.19 14.45 -4.12
C GLN A 532 18.61 15.75 -4.71
N ARG A 533 17.29 15.86 -4.77
CA ARG A 533 16.65 17.07 -5.33
C ARG A 533 17.00 18.29 -4.45
N ASP A 534 16.99 18.11 -3.13
CA ASP A 534 17.28 19.22 -2.17
C ASP A 534 18.74 19.65 -2.27
N LYS A 535 19.64 18.78 -2.71
CA LYS A 535 21.11 19.07 -2.70
C LYS A 535 21.50 20.31 -3.50
N VAL A 536 20.93 20.53 -4.69
CA VAL A 536 21.40 21.67 -5.54
C VAL A 536 20.62 22.95 -5.21
N SER A 537 21.34 24.06 -5.00
CA SER A 537 20.69 25.35 -4.67
C SER A 537 19.82 25.86 -5.83
N SER A 538 20.33 25.76 -7.06
CA SER A 538 19.56 26.24 -8.25
C SER A 538 19.04 25.03 -9.01
N LYS A 539 17.84 25.14 -9.57
CA LYS A 539 17.24 24.01 -10.34
C LYS A 539 17.35 24.30 -11.85
N ASN A 540 17.85 25.47 -12.23
CA ASN A 540 17.88 25.85 -13.67
C ASN A 540 19.32 25.99 -14.18
N SER A 541 20.30 25.42 -13.49
CA SER A 541 21.70 25.64 -13.89
C SER A 541 22.22 24.51 -14.78
N LEU A 542 22.82 24.86 -15.93
CA LEU A 542 23.33 23.84 -16.88
C LEU A 542 24.86 23.90 -16.92
N GLU A 543 25.51 22.74 -16.89
CA GLU A 543 26.98 22.67 -17.01
C GLU A 543 27.39 22.40 -18.48
N SER A 544 28.70 22.41 -18.75
CA SER A 544 29.22 22.18 -20.12
C SER A 544 29.63 20.72 -20.31
N TYR A 545 29.38 19.86 -19.32
CA TYR A 545 29.87 18.47 -19.38
C TYR A 545 28.82 17.48 -18.89
N ALA A 546 29.04 16.19 -19.16
CA ALA A 546 28.12 15.15 -18.65
C ALA A 546 28.59 14.71 -17.26
N PHE A 547 27.76 14.87 -16.25
CA PHE A 547 28.15 14.54 -14.85
C PHE A 547 28.47 13.04 -14.75
N ASN A 548 27.72 12.20 -15.46
CA ASN A 548 27.88 10.73 -15.37
C ASN A 548 29.26 10.29 -15.89
N MET A 549 29.87 11.08 -16.77
CA MET A 549 31.18 10.68 -17.37
C MET A 549 32.35 11.33 -16.60
N LYS A 550 32.05 12.18 -15.61
CA LYS A 550 33.11 12.88 -14.84
C LYS A 550 33.79 11.91 -13.88
N ALA A 551 35.11 12.05 -13.70
CA ALA A 551 35.84 11.22 -12.70
C ALA A 551 35.33 11.58 -11.30
N THR A 552 35.24 10.59 -10.39
CA THR A 552 34.68 10.79 -9.02
C THR A 552 33.16 10.95 -9.12
N1 EPE B . 19.19 3.06 -17.54
C2 EPE B . 19.35 1.62 -17.66
C3 EPE B . 17.99 0.94 -17.55
N4 EPE B . 17.38 1.22 -16.24
C5 EPE B . 17.25 2.67 -16.09
C6 EPE B . 18.61 3.35 -16.21
C7 EPE B . 16.08 0.57 -16.19
C8 EPE B . 15.70 0.18 -14.76
O8 EPE B . 15.11 1.30 -14.07
C9 EPE B . 20.50 3.72 -17.63
C10 EPE B . 21.28 3.27 -18.85
S EPE B . 20.76 4.04 -20.23
O1S EPE B . 20.97 5.49 -20.11
O2S EPE B . 21.52 3.54 -21.40
O3S EPE B . 19.34 3.74 -20.45
C05 V7Z C . 18.36 6.10 -30.04
N04 V7Z C . 17.22 8.01 -28.43
O02 V7Z C . 19.25 6.63 -27.69
O03 V7Z C . 17.18 5.66 -27.76
S01 V7Z C . 18.04 6.57 -28.36
C05 V7Z D . -3.25 -5.43 8.11
N04 V7Z D . -2.31 -4.84 5.47
O02 V7Z D . -4.78 -5.02 6.13
O03 V7Z D . -3.53 -6.98 6.04
S01 V7Z D . -3.51 -5.61 6.36
C1 GOL E . 2.67 4.18 6.24
O1 GOL E . 3.32 3.57 5.15
C2 GOL E . 3.06 3.55 7.55
O2 GOL E . 4.30 2.86 7.48
C3 GOL E . 2.00 2.66 8.11
O3 GOL E . 1.60 3.11 9.40
C1 GOL F . 0.87 -5.88 9.76
O1 GOL F . 1.51 -7.11 9.51
C2 GOL F . 1.62 -4.74 9.13
O2 GOL F . 2.08 -3.84 10.13
C3 GOL F . 2.73 -5.20 8.21
O3 GOL F . 4.01 -4.80 8.68
NA NA G . -6.22 -5.57 4.60
#